data_8B39
#
_entry.id   8B39
#
_cell.length_a   82.110
_cell.length_b   112.675
_cell.length_c   62.456
_cell.angle_alpha   90.00
_cell.angle_beta   90.00
_cell.angle_gamma   90.00
#
_symmetry.space_group_name_H-M   'C 2 2 21'
#
loop_
_entity.id
_entity.type
_entity.pdbx_description
1 polymer '14-3-3 protein sigma'
2 polymer 'Estrogen receptor'
3 non-polymer 'MAGNESIUM ION'
4 non-polymer 2-chloranyl-~{N}-[[1-[(2~{S},6~{R})-4-[(4-chlorophenyl)amino]-2,6-dimethyl-oxan-4-yl]carbonylpiperidin-4-yl]methyl]ethanamide
5 water water
#
loop_
_entity_poly.entity_id
_entity_poly.type
_entity_poly.pdbx_seq_one_letter_code
_entity_poly.pdbx_strand_id
1 'polypeptide(L)'
;GAMGSMERASLIQKAKLAEQAERYEDMAAFMKGAVEKGEELSCEERNLLSVAYKNVVGGQRAAWRVLSSIEQKSNEEGSE
EKGPEVREYREKVETELQGVCDTVLGLLDSHLIKEAGDAESRVFYLKMKGDYYRYLAEVATGDDKKRIIDSARSAYQEAM
DISKKEMPPTNPIRLGLALNFSVFHYEIANSPEEAISLAKTTFDEAMADLHTLSEDSYKDSTLIMQLLRDNLTLWT
;
A
2 'polypeptide(L)' FPA(TPO)V B
#
loop_
_chem_comp.id
_chem_comp.type
_chem_comp.name
_chem_comp.formula
MG non-polymer 'MAGNESIUM ION' 'Mg 2'
OT0 non-polymer 2-chloranyl-~{N}-[[1-[(2~{S},6~{R})-4-[(4-chlorophenyl)amino]-2,6-dimethyl-oxan-4-yl]carbonylpiperidin-4-yl]methyl]ethanamide 'C22 H31 Cl2 N3 O3'
#
# COMPACT_ATOMS: atom_id res chain seq x y z
N GLY A 1 1.37 -14.76 -20.53
CA GLY A 1 2.05 -14.55 -19.24
C GLY A 1 2.75 -15.86 -18.94
N ALA A 2 3.96 -15.77 -18.39
CA ALA A 2 4.78 -16.95 -18.10
C ALA A 2 4.15 -17.89 -17.09
N MET A 3 3.19 -17.41 -16.30
CA MET A 3 2.44 -18.26 -15.36
C MET A 3 1.17 -18.87 -15.93
N GLY A 4 0.87 -18.59 -17.21
CA GLY A 4 -0.33 -19.04 -17.84
C GLY A 4 -0.53 -20.53 -17.88
N SER A 5 0.55 -21.32 -17.94
CA SER A 5 0.48 -22.75 -17.96
C SER A 5 0.41 -23.39 -16.58
N MET A 6 0.55 -22.65 -15.51
CA MET A 6 0.53 -23.25 -14.15
C MET A 6 -0.87 -23.16 -13.55
N GLU A 7 -1.27 -24.25 -12.91
CA GLU A 7 -2.58 -24.27 -12.21
C GLU A 7 -2.69 -23.15 -11.18
N ARG A 8 -3.88 -22.59 -11.03
CA ARG A 8 -4.15 -21.60 -9.99
C ARG A 8 -3.70 -22.11 -8.61
N ALA A 9 -4.08 -23.34 -8.23
CA ALA A 9 -3.78 -23.81 -6.91
C ALA A 9 -2.28 -23.92 -6.72
N SER A 10 -1.59 -24.35 -7.78
CA SER A 10 -0.11 -24.44 -7.69
C SER A 10 0.54 -23.09 -7.54
N LEU A 11 0.02 -22.07 -8.23
CA LEU A 11 0.53 -20.71 -8.04
C LEU A 11 0.37 -20.26 -6.60
N ILE A 12 -0.81 -20.52 -6.01
CA ILE A 12 -1.05 -20.14 -4.63
C ILE A 12 -0.11 -20.88 -3.68
N GLN A 13 0.03 -22.20 -3.91
CA GLN A 13 0.94 -23.01 -3.11
C GLN A 13 2.37 -22.44 -3.16
N LYS A 14 2.84 -22.15 -4.39
CA LYS A 14 4.18 -21.59 -4.58
C LYS A 14 4.33 -20.21 -4.00
N ALA A 15 3.29 -19.36 -4.03
CA ALA A 15 3.38 -18.06 -3.40
C ALA A 15 3.61 -18.23 -1.91
N LYS A 16 2.96 -19.23 -1.27
CA LYS A 16 3.15 -19.46 0.14
C LYS A 16 4.58 -19.96 0.46
N LEU A 17 5.12 -20.82 -0.42
CA LEU A 17 6.53 -21.25 -0.29
C LEU A 17 7.48 -20.06 -0.45
N ALA A 18 7.23 -19.22 -1.46
CA ALA A 18 8.06 -18.07 -1.69
C ALA A 18 8.10 -17.16 -0.48
N GLU A 19 6.95 -16.96 0.15
CA GLU A 19 6.86 -16.16 1.36
C GLU A 19 7.74 -16.77 2.47
N GLN A 20 7.64 -18.10 2.66
CA GLN A 20 8.45 -18.77 3.68
C GLN A 20 9.94 -18.56 3.42
N ALA A 21 10.32 -18.55 2.13
CA ALA A 21 11.71 -18.35 1.69
C ALA A 21 12.14 -16.89 1.53
N GLU A 22 11.24 -15.98 1.88
CA GLU A 22 11.46 -14.53 1.75
C GLU A 22 11.87 -14.12 0.32
N ARG A 23 11.25 -14.80 -0.64
CA ARG A 23 11.45 -14.62 -2.10
C ARG A 23 10.28 -13.78 -2.62
N TYR A 24 10.21 -12.50 -2.27
CA TYR A 24 8.98 -11.72 -2.48
C TYR A 24 8.76 -11.40 -3.95
N GLU A 25 9.80 -11.26 -4.78
CA GLU A 25 9.58 -11.09 -6.21
C GLU A 25 8.91 -12.31 -6.78
N ASP A 26 9.38 -13.51 -6.46
CA ASP A 26 8.72 -14.71 -6.90
C ASP A 26 7.28 -14.75 -6.40
N MET A 27 7.09 -14.41 -5.12
CA MET A 27 5.73 -14.48 -4.50
C MET A 27 4.82 -13.58 -5.34
N ALA A 28 5.25 -12.40 -5.70
CA ALA A 28 4.45 -11.46 -6.47
C ALA A 28 4.15 -11.96 -7.84
N ALA A 29 5.12 -12.58 -8.51
CA ALA A 29 4.92 -13.14 -9.83
C ALA A 29 3.90 -14.29 -9.78
N PHE A 30 3.98 -15.14 -8.78
CA PHE A 30 3.00 -16.20 -8.61
C PHE A 30 1.61 -15.63 -8.39
N MET A 31 1.49 -14.63 -7.52
CA MET A 31 0.14 -14.09 -7.23
C MET A 31 -0.38 -13.33 -8.44
N LYS A 32 0.43 -12.65 -9.23
CA LYS A 32 -0.01 -12.04 -10.48
C LYS A 32 -0.56 -13.10 -11.41
N GLY A 33 0.12 -14.24 -11.51
CA GLY A 33 -0.40 -15.33 -12.30
C GLY A 33 -1.73 -15.83 -11.77
N ALA A 34 -1.87 -15.95 -10.44
CA ALA A 34 -3.14 -16.41 -9.85
C ALA A 34 -4.27 -15.40 -10.16
N VAL A 35 -4.02 -14.11 -10.00
CA VAL A 35 -5.05 -13.11 -10.31
C VAL A 35 -5.47 -13.25 -11.77
N GLU A 36 -4.52 -13.42 -12.69
CA GLU A 36 -4.81 -13.46 -14.09
C GLU A 36 -5.57 -14.71 -14.54
N LYS A 37 -5.76 -15.69 -13.65
CA LYS A 37 -6.71 -16.76 -13.95
C LYS A 37 -8.15 -16.29 -14.08
N GLY A 38 -8.45 -15.11 -13.52
CA GLY A 38 -9.75 -14.51 -13.70
C GLY A 38 -10.74 -14.75 -12.65
N GLU A 39 -10.48 -15.63 -11.69
CA GLU A 39 -11.40 -15.87 -10.61
C GLU A 39 -11.13 -14.86 -9.48
N GLU A 40 -12.16 -14.59 -8.69
CA GLU A 40 -12.05 -13.72 -7.52
C GLU A 40 -11.07 -14.40 -6.53
N LEU A 41 -10.50 -13.60 -5.62
CA LEU A 41 -9.58 -14.03 -4.61
C LEU A 41 -10.27 -14.16 -3.26
N SER A 42 -9.94 -15.20 -2.51
CA SER A 42 -10.37 -15.31 -1.13
C SER A 42 -9.66 -14.31 -0.26
N CYS A 43 -10.04 -14.17 1.00
CA CYS A 43 -9.32 -13.33 1.92
C CYS A 43 -7.84 -13.69 2.02
N GLU A 44 -7.55 -14.98 2.22
CA GLU A 44 -6.19 -15.42 2.34
C GLU A 44 -5.39 -15.06 1.10
N GLU A 45 -5.98 -15.28 -0.08
CA GLU A 45 -5.33 -14.98 -1.33
C GLU A 45 -5.11 -13.52 -1.54
N ARG A 46 -6.04 -12.66 -1.14
CA ARG A 46 -5.86 -11.19 -1.18
C ARG A 46 -4.67 -10.82 -0.31
N ASN A 47 -4.54 -11.45 0.86
CA ASN A 47 -3.42 -11.18 1.76
C ASN A 47 -2.11 -11.59 1.11
N LEU A 48 -2.06 -12.70 0.41
CA LEU A 48 -0.82 -13.10 -0.28
C LEU A 48 -0.47 -12.08 -1.31
N LEU A 49 -1.41 -11.62 -2.10
CA LEU A 49 -1.17 -10.62 -3.11
C LEU A 49 -0.59 -9.37 -2.50
N SER A 50 -1.25 -8.86 -1.48
CA SER A 50 -0.83 -7.61 -0.85
C SER A 50 0.56 -7.73 -0.24
N VAL A 51 0.81 -8.80 0.50
CA VAL A 51 2.13 -8.98 1.16
C VAL A 51 3.25 -9.01 0.14
N ALA A 52 3.04 -9.71 -0.98
CA ALA A 52 4.09 -9.87 -1.97
C ALA A 52 4.47 -8.54 -2.52
N TYR A 53 3.52 -7.78 -3.04
CA TYR A 53 3.81 -6.48 -3.66
C TYR A 53 4.23 -5.44 -2.62
N LYS A 54 3.72 -5.48 -1.40
CA LYS A 54 4.13 -4.54 -0.37
C LYS A 54 5.63 -4.67 -0.13
N ASN A 55 6.11 -5.92 -0.05
CA ASN A 55 7.49 -6.18 0.20
C ASN A 55 8.37 -5.79 -0.99
N VAL A 56 7.94 -6.11 -2.21
CA VAL A 56 8.71 -5.74 -3.43
C VAL A 56 8.81 -4.23 -3.50
N VAL A 57 7.69 -3.50 -3.46
CA VAL A 57 7.76 -2.04 -3.63
C VAL A 57 8.40 -1.41 -2.41
N GLY A 58 8.21 -1.99 -1.22
CA GLY A 58 8.86 -1.46 -0.02
C GLY A 58 10.36 -1.40 -0.14
N GLY A 59 10.92 -2.47 -0.71
CA GLY A 59 12.36 -2.48 -0.95
C GLY A 59 12.78 -1.45 -1.99
N GLN A 60 11.98 -1.29 -3.05
CA GLN A 60 12.27 -0.30 -4.06
C GLN A 60 12.21 1.11 -3.52
N ARG A 61 11.21 1.38 -2.68
CA ARG A 61 11.07 2.71 -2.07
C ARG A 61 12.27 3.01 -1.17
N ALA A 62 12.72 2.04 -0.38
CA ALA A 62 13.82 2.28 0.51
C ALA A 62 15.07 2.60 -0.35
N ALA A 63 15.28 1.86 -1.45
CA ALA A 63 16.46 2.11 -2.30
C ALA A 63 16.35 3.43 -2.98
N TRP A 64 15.15 3.79 -3.44
CA TRP A 64 14.93 5.08 -4.08
C TRP A 64 15.26 6.20 -3.13
N ARG A 65 14.87 6.07 -1.86
CA ARG A 65 15.13 7.14 -0.87
C ARG A 65 16.65 7.26 -0.65
N VAL A 66 17.39 6.15 -0.58
CA VAL A 66 18.85 6.23 -0.39
C VAL A 66 19.44 7.01 -1.56
N LEU A 67 19.04 6.66 -2.78
CA LEU A 67 19.58 7.25 -3.97
C LEU A 67 19.21 8.73 -4.11
N SER A 68 17.94 9.06 -3.81
CA SER A 68 17.47 10.44 -3.89
C SER A 68 18.24 11.30 -2.88
N SER A 69 18.55 10.77 -1.69
CA SER A 69 19.31 11.54 -0.71
C SER A 69 20.74 11.81 -1.23
N ILE A 70 21.39 10.83 -1.88
CA ILE A 70 22.72 11.02 -2.42
C ILE A 70 22.64 12.07 -3.52
N GLU A 71 21.58 12.00 -4.33
CA GLU A 71 21.41 12.92 -5.46
C GLU A 71 21.21 14.35 -4.94
N GLN A 72 20.44 14.49 -3.86
CA GLN A 72 20.20 15.81 -3.27
C GLN A 72 21.51 16.42 -2.75
N LYS A 73 22.30 15.59 -2.06
CA LYS A 73 23.58 16.02 -1.54
C LYS A 73 24.50 16.48 -2.67
N SER A 74 24.41 15.81 -3.82
CA SER A 74 25.22 16.14 -4.98
C SER A 74 24.90 17.50 -5.60
N ASN A 75 23.69 17.99 -5.36
CA ASN A 75 23.24 19.26 -5.87
C ASN A 75 23.39 20.46 -4.90
N GLU A 76 23.97 20.20 -3.71
CA GLU A 76 24.31 21.26 -2.73
C GLU A 76 25.58 22.01 -3.12
N GLU A 77 25.66 23.28 -2.72
CA GLU A 77 26.85 24.11 -2.99
C GLU A 77 28.11 23.44 -2.45
N GLY A 78 29.16 23.40 -3.29
CA GLY A 78 30.44 22.87 -2.89
C GLY A 78 30.61 21.37 -3.04
N SER A 79 29.56 20.70 -3.53
CA SER A 79 29.61 19.28 -3.88
C SER A 79 30.28 19.16 -5.24
N GLU A 80 31.25 18.26 -5.36
CA GLU A 80 32.04 18.08 -6.57
C GLU A 80 31.11 17.40 -7.63
N GLU A 81 31.16 17.87 -8.88
CA GLU A 81 30.46 17.26 -10.00
C GLU A 81 31.01 15.86 -10.24
N LYS A 82 30.09 14.89 -10.24
CA LYS A 82 30.44 13.48 -10.38
C LYS A 82 29.80 12.81 -11.59
N GLY A 83 29.16 13.64 -12.43
CA GLY A 83 28.55 13.17 -13.67
C GLY A 83 27.11 12.74 -13.49
N PRO A 84 26.56 12.10 -14.53
CA PRO A 84 25.13 11.80 -14.57
C PRO A 84 24.74 10.49 -13.85
N GLU A 85 25.70 9.77 -13.29
CA GLU A 85 25.47 8.41 -12.81
C GLU A 85 24.48 8.30 -11.63
N VAL A 86 24.52 9.22 -10.66
CA VAL A 86 23.61 9.16 -9.54
C VAL A 86 22.19 9.34 -10.06
N ARG A 87 21.97 10.36 -10.87
CA ARG A 87 20.61 10.59 -11.45
C ARG A 87 20.20 9.38 -12.27
N GLU A 88 21.06 8.85 -13.13
CA GLU A 88 20.68 7.72 -13.94
C GLU A 88 20.25 6.54 -13.13
N TYR A 89 20.98 6.22 -12.08
CA TYR A 89 20.67 5.01 -11.30
C TYR A 89 19.42 5.27 -10.47
N ARG A 90 19.25 6.46 -9.91
CA ARG A 90 17.97 6.78 -9.22
C ARG A 90 16.82 6.65 -10.23
N GLU A 91 16.97 7.13 -11.44
CA GLU A 91 15.97 6.97 -12.49
C GLU A 91 15.70 5.51 -12.80
N LYS A 92 16.72 4.66 -12.82
CA LYS A 92 16.55 3.26 -13.06
C LYS A 92 15.68 2.60 -12.00
N VAL A 93 16.03 2.84 -10.76
CA VAL A 93 15.24 2.34 -9.63
C VAL A 93 13.81 2.88 -9.70
N GLU A 94 13.68 4.17 -9.95
CA GLU A 94 12.37 4.81 -10.04
C GLU A 94 11.53 4.17 -11.10
N THR A 95 12.06 3.91 -12.29
CA THR A 95 11.31 3.34 -13.38
C THR A 95 10.88 1.95 -13.03
N GLU A 96 11.70 1.16 -12.36
CA GLU A 96 11.31 -0.17 -11.94
C GLU A 96 10.19 -0.12 -10.90
N LEU A 97 10.29 0.79 -9.95
CA LEU A 97 9.22 1.05 -8.94
C LEU A 97 7.92 1.38 -9.65
N GLN A 98 7.93 2.35 -10.56
CA GLN A 98 6.72 2.74 -11.28
C GLN A 98 6.17 1.57 -12.03
N GLY A 99 7.00 0.72 -12.62
CA GLY A 99 6.55 -0.46 -13.29
C GLY A 99 5.79 -1.40 -12.40
N VAL A 100 6.30 -1.65 -11.20
CA VAL A 100 5.61 -2.50 -10.23
C VAL A 100 4.27 -1.88 -9.83
N CYS A 101 4.22 -0.58 -9.57
CA CYS A 101 2.98 0.09 -9.19
C CYS A 101 2.03 -0.04 -10.35
N ASP A 102 2.43 0.16 -11.60
CA ASP A 102 1.55 0.04 -12.74
C ASP A 102 1.02 -1.38 -12.87
N THR A 103 1.84 -2.38 -12.58
CA THR A 103 1.43 -3.77 -12.64
C THR A 103 0.33 -4.03 -11.59
N VAL A 104 0.50 -3.57 -10.36
CA VAL A 104 -0.53 -3.79 -9.32
C VAL A 104 -1.78 -3.05 -9.73
N LEU A 105 -1.69 -1.77 -10.09
CA LEU A 105 -2.85 -1.00 -10.50
C LEU A 105 -3.56 -1.69 -11.63
N GLY A 106 -2.83 -2.28 -12.56
CA GLY A 106 -3.43 -2.99 -13.67
C GLY A 106 -4.21 -4.23 -13.25
N LEU A 107 -3.73 -4.98 -12.28
CA LEU A 107 -4.48 -6.11 -11.72
C LEU A 107 -5.75 -5.64 -11.05
N LEU A 108 -5.67 -4.54 -10.32
CA LEU A 108 -6.85 -4.00 -9.64
C LEU A 108 -7.87 -3.54 -10.65
N ASP A 109 -7.46 -2.92 -11.74
CA ASP A 109 -8.35 -2.38 -12.76
C ASP A 109 -8.85 -3.46 -13.71
N SER A 110 -8.15 -4.60 -13.80
CA SER A 110 -8.44 -5.65 -14.77
C SER A 110 -8.26 -7.02 -14.11
N HIS A 111 -9.23 -7.46 -13.29
CA HIS A 111 -10.54 -6.87 -13.06
C HIS A 111 -10.96 -7.02 -11.60
N LEU A 112 -10.00 -6.95 -10.66
CA LEU A 112 -10.30 -7.24 -9.27
C LEU A 112 -11.36 -6.32 -8.64
N ILE A 113 -11.23 -5.03 -8.81
CA ILE A 113 -12.14 -4.09 -8.18
C ILE A 113 -13.56 -4.31 -8.73
N LYS A 114 -13.74 -4.35 -10.04
CA LYS A 114 -15.09 -4.37 -10.59
C LYS A 114 -15.84 -5.63 -10.22
N GLU A 115 -15.15 -6.73 -9.90
CA GLU A 115 -15.81 -7.98 -9.47
C GLU A 115 -16.01 -8.09 -7.95
N ALA A 116 -15.43 -7.12 -7.19
CA ALA A 116 -15.48 -7.15 -5.72
C ALA A 116 -16.72 -6.42 -5.23
N GLY A 117 -17.66 -7.18 -4.72
CA GLY A 117 -18.92 -6.66 -4.25
C GLY A 117 -19.07 -6.62 -2.74
N ASP A 118 -18.39 -7.52 -2.05
CA ASP A 118 -18.50 -7.52 -0.61
C ASP A 118 -17.65 -6.39 -0.11
N ALA A 119 -18.06 -5.78 0.98
CA ALA A 119 -17.32 -4.63 1.47
C ALA A 119 -15.89 -4.99 1.82
N GLU A 120 -15.66 -6.17 2.37
CA GLU A 120 -14.31 -6.51 2.84
C GLU A 120 -13.37 -6.64 1.67
N SER A 121 -13.81 -7.18 0.55
CA SER A 121 -12.96 -7.31 -0.61
C SER A 121 -12.80 -5.94 -1.31
N ARG A 122 -13.89 -5.25 -1.51
CA ARG A 122 -13.86 -3.99 -2.25
C ARG A 122 -13.03 -2.95 -1.51
N VAL A 123 -13.21 -2.80 -0.20
CA VAL A 123 -12.42 -1.87 0.55
C VAL A 123 -10.93 -2.24 0.48
N PHE A 124 -10.63 -3.51 0.62
CA PHE A 124 -9.22 -3.96 0.57
C PHE A 124 -8.59 -3.56 -0.75
N TYR A 125 -9.25 -3.80 -1.88
CA TYR A 125 -8.68 -3.47 -3.20
C TYR A 125 -8.59 -1.99 -3.40
N LEU A 126 -9.56 -1.21 -2.98
CA LEU A 126 -9.52 0.22 -3.12
C LEU A 126 -8.42 0.84 -2.28
N LYS A 127 -8.21 0.32 -1.09
CA LYS A 127 -7.04 0.70 -0.30
C LYS A 127 -5.76 0.43 -1.07
N MET A 128 -5.62 -0.76 -1.65
CA MET A 128 -4.42 -1.04 -2.46
C MET A 128 -4.30 -0.02 -3.55
N LYS A 129 -5.37 0.33 -4.25
CA LYS A 129 -5.32 1.30 -5.28
C LYS A 129 -4.76 2.61 -4.76
N GLY A 130 -5.29 3.09 -3.63
CA GLY A 130 -4.77 4.31 -3.03
C GLY A 130 -3.26 4.16 -2.71
N ASP A 131 -2.88 3.04 -2.13
CA ASP A 131 -1.48 2.83 -1.74
C ASP A 131 -0.56 2.92 -2.95
N TYR A 132 -0.88 2.28 -4.05
CA TYR A 132 0.07 2.22 -5.20
C TYR A 132 0.04 3.57 -5.92
N TYR A 133 -1.08 4.30 -5.99
CA TYR A 133 -1.01 5.68 -6.45
C TYR A 133 -0.21 6.55 -5.50
N ARG A 134 -0.28 6.32 -4.20
CA ARG A 134 0.56 7.05 -3.24
C ARG A 134 2.05 6.80 -3.57
N TYR A 135 2.44 5.56 -3.84
CA TYR A 135 3.86 5.27 -4.15
C TYR A 135 4.24 5.98 -5.45
N LEU A 136 3.38 6.01 -6.46
CA LEU A 136 3.62 6.81 -7.62
C LEU A 136 3.80 8.29 -7.30
N ALA A 137 2.98 8.80 -6.37
CA ALA A 137 3.05 10.18 -5.98
C ALA A 137 4.34 10.51 -5.29
N GLU A 138 4.90 9.56 -4.52
CA GLU A 138 6.12 9.82 -3.81
C GLU A 138 7.26 10.21 -4.75
N VAL A 139 7.25 9.67 -5.97
CA VAL A 139 8.35 9.88 -6.89
C VAL A 139 8.00 10.81 -8.03
N ALA A 140 6.77 11.30 -8.07
CA ALA A 140 6.29 12.17 -9.15
C ALA A 140 6.81 13.57 -9.00
N THR A 141 7.23 14.14 -10.12
CA THR A 141 7.77 15.49 -10.19
C THR A 141 7.27 16.27 -11.39
N GLY A 142 6.41 15.66 -12.22
CA GLY A 142 5.93 16.30 -13.46
C GLY A 142 4.49 16.80 -13.57
N ASP A 143 4.02 16.94 -14.83
CA ASP A 143 2.72 17.55 -15.25
C ASP A 143 1.55 16.79 -14.58
N ASP A 144 1.75 15.50 -14.35
CA ASP A 144 0.72 14.65 -13.80
C ASP A 144 0.68 14.45 -12.31
N LYS A 145 1.59 15.06 -11.57
CA LYS A 145 1.72 14.80 -10.15
C LYS A 145 0.36 15.06 -9.46
N LYS A 146 -0.27 16.20 -9.74
CA LYS A 146 -1.55 16.48 -9.13
C LYS A 146 -2.59 15.42 -9.40
N ARG A 147 -2.69 14.96 -10.65
CA ARG A 147 -3.66 13.92 -11.04
C ARG A 147 -3.28 12.63 -10.31
N ILE A 148 -1.99 12.29 -10.14
CA ILE A 148 -1.60 11.06 -9.44
C ILE A 148 -2.06 11.15 -7.98
N ILE A 149 -1.83 12.29 -7.34
CA ILE A 149 -2.23 12.50 -5.95
C ILE A 149 -3.76 12.39 -5.85
N ASP A 150 -4.47 12.97 -6.81
CA ASP A 150 -5.92 12.90 -6.75
C ASP A 150 -6.44 11.47 -6.93
N SER A 151 -5.76 10.68 -7.77
CA SER A 151 -6.12 9.29 -7.94
C SER A 151 -6.00 8.51 -6.66
N ALA A 152 -4.93 8.77 -5.93
CA ALA A 152 -4.78 8.10 -4.63
C ALA A 152 -5.92 8.54 -3.71
N ARG A 153 -6.14 9.85 -3.62
CA ARG A 153 -7.17 10.40 -2.71
C ARG A 153 -8.51 9.75 -3.05
N SER A 154 -8.88 9.72 -4.33
CA SER A 154 -10.20 9.24 -4.71
C SER A 154 -10.42 7.79 -4.35
N ALA A 155 -9.40 6.96 -4.52
CA ALA A 155 -9.46 5.55 -4.22
C ALA A 155 -9.64 5.37 -2.72
N TYR A 156 -8.80 6.05 -1.94
CA TYR A 156 -8.91 6.01 -0.47
C TYR A 156 -10.31 6.50 -0.02
N GLN A 157 -10.79 7.59 -0.59
CA GLN A 157 -12.09 8.11 -0.18
C GLN A 157 -13.21 7.13 -0.46
N GLU A 158 -13.24 6.50 -1.63
CA GLU A 158 -14.28 5.52 -1.90
C GLU A 158 -14.20 4.38 -0.87
N ALA A 159 -12.98 3.92 -0.58
CA ALA A 159 -12.78 2.86 0.41
C ALA A 159 -13.31 3.31 1.77
N MET A 160 -13.01 4.55 2.17
CA MET A 160 -13.44 5.06 3.46
C MET A 160 -14.95 5.13 3.53
N ASP A 161 -15.60 5.56 2.43
CA ASP A 161 -17.05 5.72 2.48
C ASP A 161 -17.70 4.34 2.71
N ILE A 162 -17.25 3.32 1.98
CA ILE A 162 -17.75 1.97 2.11
C ILE A 162 -17.48 1.45 3.53
N SER A 163 -16.24 1.61 3.99
CA SER A 163 -15.84 1.07 5.27
C SER A 163 -16.72 1.64 6.42
N LYS A 164 -17.02 2.95 6.37
CA LYS A 164 -17.77 3.55 7.43
C LYS A 164 -19.22 3.08 7.41
N LYS A 165 -19.76 2.79 6.24
CA LYS A 165 -21.13 2.30 6.13
C LYS A 165 -21.30 0.85 6.52
N GLU A 166 -20.33 0.02 6.16
CA GLU A 166 -20.47 -1.44 6.13
C GLU A 166 -19.65 -2.29 7.13
N MET A 167 -18.68 -1.62 7.80
CA MET A 167 -17.80 -2.32 8.71
C MET A 167 -17.80 -1.67 10.08
N PRO A 168 -17.60 -2.46 11.15
CA PRO A 168 -17.46 -1.87 12.47
C PRO A 168 -16.15 -1.10 12.61
N PRO A 169 -16.09 -0.16 13.58
CA PRO A 169 -14.92 0.69 13.74
C PRO A 169 -13.66 -0.08 14.10
N THR A 170 -13.78 -1.31 14.59
CA THR A 170 -12.63 -2.14 14.92
C THR A 170 -12.17 -3.05 13.80
N ASN A 171 -12.90 -3.08 12.70
CA ASN A 171 -12.57 -4.02 11.65
C ASN A 171 -11.14 -3.74 11.17
N PRO A 172 -10.24 -4.74 11.10
CA PRO A 172 -8.85 -4.50 10.74
C PRO A 172 -8.64 -3.83 9.38
N ILE A 173 -9.50 -4.13 8.41
CA ILE A 173 -9.42 -3.50 7.08
C ILE A 173 -9.75 -2.02 7.17
N ARG A 174 -10.83 -1.71 7.90
CA ARG A 174 -11.19 -0.31 8.14
C ARG A 174 -10.04 0.42 8.85
N LEU A 175 -9.47 -0.22 9.86
CA LEU A 175 -8.37 0.37 10.59
C LEU A 175 -7.12 0.62 9.72
N GLY A 176 -6.74 -0.39 8.93
CA GLY A 176 -5.57 -0.28 8.09
C GLY A 176 -5.75 0.77 7.04
N LEU A 177 -6.93 0.81 6.43
CA LEU A 177 -7.27 1.84 5.44
C LEU A 177 -7.07 3.21 6.06
N ALA A 178 -7.64 3.43 7.26
CA ALA A 178 -7.56 4.75 7.90
C ALA A 178 -6.13 5.13 8.22
N LEU A 179 -5.37 4.15 8.71
CA LEU A 179 -3.93 4.37 8.98
C LEU A 179 -3.25 4.91 7.73
N ASN A 180 -3.43 4.23 6.60
CA ASN A 180 -2.74 4.60 5.37
C ASN A 180 -3.22 5.90 4.79
N PHE A 181 -4.55 6.14 4.83
CA PHE A 181 -5.09 7.38 4.30
C PHE A 181 -4.61 8.54 5.14
N SER A 182 -4.49 8.34 6.46
CA SER A 182 -3.91 9.35 7.35
C SER A 182 -2.47 9.67 6.94
N VAL A 183 -1.66 8.65 6.63
CA VAL A 183 -0.29 8.87 6.12
C VAL A 183 -0.32 9.62 4.78
N PHE A 184 -1.21 9.27 3.87
CA PHE A 184 -1.41 10.02 2.64
C PHE A 184 -1.60 11.50 2.95
N HIS A 185 -2.51 11.81 3.88
CA HIS A 185 -2.75 13.22 4.21
C HIS A 185 -1.49 13.91 4.67
N TYR A 186 -0.72 13.23 5.53
CA TYR A 186 0.48 13.83 6.17
C TYR A 186 1.61 14.02 5.17
N GLU A 187 1.86 12.99 4.40
CA GLU A 187 3.08 12.92 3.62
C GLU A 187 2.93 13.35 2.17
N ILE A 188 1.73 13.21 1.62
CA ILE A 188 1.47 13.44 0.22
C ILE A 188 0.65 14.69 -0.04
N ALA A 189 -0.42 14.86 0.75
CA ALA A 189 -1.38 15.97 0.54
C ALA A 189 -1.07 17.22 1.32
N ASN A 190 0.02 17.21 2.09
CA ASN A 190 0.40 18.38 2.88
C ASN A 190 -0.73 18.84 3.80
N SER A 191 -1.36 17.87 4.46
CA SER A 191 -2.51 18.07 5.28
C SER A 191 -2.29 17.40 6.62
N PRO A 192 -1.30 17.85 7.42
CA PRO A 192 -1.05 17.18 8.69
C PRO A 192 -2.23 17.22 9.67
N GLU A 193 -2.97 18.31 9.69
CA GLU A 193 -4.14 18.37 10.59
C GLU A 193 -5.18 17.32 10.24
N GLU A 194 -5.43 17.11 8.96
CA GLU A 194 -6.35 16.08 8.52
C GLU A 194 -5.83 14.70 8.92
N ALA A 195 -4.52 14.51 8.74
CA ALA A 195 -3.90 13.23 9.09
C ALA A 195 -4.08 12.89 10.58
N ILE A 196 -3.83 13.88 11.44
CA ILE A 196 -3.96 13.73 12.87
C ILE A 196 -5.40 13.50 13.29
N SER A 197 -6.30 14.29 12.72
CA SER A 197 -7.74 14.16 13.06
C SER A 197 -8.20 12.75 12.68
N LEU A 198 -7.81 12.28 11.50
CA LEU A 198 -8.27 10.96 11.07
C LEU A 198 -7.73 9.88 11.97
N ALA A 199 -6.43 9.93 12.28
CA ALA A 199 -5.84 8.92 13.14
C ALA A 199 -6.51 8.89 14.54
N LYS A 200 -6.71 10.07 15.10
CA LYS A 200 -7.29 10.19 16.45
C LYS A 200 -8.74 9.67 16.45
N THR A 201 -9.57 10.14 15.50
CA THR A 201 -10.96 9.72 15.51
C THR A 201 -11.06 8.21 15.27
N THR A 202 -10.22 7.70 14.37
CA THR A 202 -10.23 6.26 14.11
C THR A 202 -9.88 5.49 15.34
N PHE A 203 -8.83 5.90 16.02
CA PHE A 203 -8.40 5.23 17.25
C PHE A 203 -9.51 5.25 18.31
N ASP A 204 -10.08 6.42 18.51
CA ASP A 204 -11.04 6.59 19.58
C ASP A 204 -12.34 5.79 19.30
N GLU A 205 -12.80 5.79 18.07
CA GLU A 205 -13.97 5.04 17.70
C GLU A 205 -13.75 3.53 17.80
N ALA A 206 -12.54 3.10 17.49
CA ALA A 206 -12.20 1.71 17.68
C ALA A 206 -12.18 1.32 19.16
N MET A 207 -11.54 2.15 19.98
CA MET A 207 -11.47 1.89 21.39
C MET A 207 -12.86 1.62 21.96
N ALA A 208 -13.85 2.44 21.58
CA ALA A 208 -15.19 2.31 22.08
C ALA A 208 -15.94 1.07 21.63
N ASP A 209 -15.42 0.38 20.63
CA ASP A 209 -16.05 -0.82 20.10
C ASP A 209 -15.31 -2.12 20.49
N LEU A 210 -14.15 -2.01 21.18
CA LEU A 210 -13.41 -3.20 21.56
C LEU A 210 -14.20 -4.14 22.45
N HIS A 211 -15.12 -3.59 23.25
CA HIS A 211 -15.91 -4.41 24.19
C HIS A 211 -16.74 -5.48 23.53
N THR A 212 -17.00 -5.34 22.21
CA THR A 212 -17.83 -6.28 21.48
C THR A 212 -17.07 -7.49 20.96
N LEU A 213 -15.75 -7.50 21.09
CA LEU A 213 -14.86 -8.44 20.43
C LEU A 213 -14.45 -9.64 21.27
N SER A 214 -14.19 -10.73 20.59
CA SER A 214 -13.47 -11.85 21.17
C SER A 214 -12.00 -11.47 21.47
N GLU A 215 -11.30 -12.35 22.21
CA GLU A 215 -9.91 -12.14 22.50
C GLU A 215 -9.11 -12.04 21.23
N ASP A 216 -9.38 -12.93 20.26
CA ASP A 216 -8.58 -12.94 19.07
C ASP A 216 -8.85 -11.71 18.19
N SER A 217 -10.11 -11.29 18.12
CA SER A 217 -10.42 -10.07 17.35
C SER A 217 -9.82 -8.84 18.01
N TYR A 218 -9.88 -8.81 19.34
CA TYR A 218 -9.27 -7.72 20.15
C TYR A 218 -7.79 -7.63 19.83
N LYS A 219 -7.10 -8.76 19.81
CA LYS A 219 -5.67 -8.73 19.44
C LYS A 219 -5.41 -8.13 18.05
N ASP A 220 -6.22 -8.53 17.08
CA ASP A 220 -6.06 -8.03 15.74
C ASP A 220 -6.27 -6.52 15.70
N SER A 221 -7.36 -6.05 16.31
CA SER A 221 -7.69 -4.64 16.22
C SER A 221 -6.67 -3.78 16.97
N THR A 222 -6.29 -4.21 18.19
CA THR A 222 -5.38 -3.44 18.99
C THR A 222 -3.97 -3.33 18.37
N LEU A 223 -3.56 -4.34 17.60
CA LEU A 223 -2.27 -4.29 16.94
C LEU A 223 -2.25 -3.09 15.98
N ILE A 224 -3.31 -2.94 15.20
CA ILE A 224 -3.35 -1.82 14.24
C ILE A 224 -3.57 -0.50 14.99
N MET A 225 -4.43 -0.50 16.04
CA MET A 225 -4.60 0.72 16.79
C MET A 225 -3.26 1.27 17.33
N GLN A 226 -2.37 0.38 17.73
CA GLN A 226 -1.08 0.83 18.21
C GLN A 226 -0.31 1.57 17.15
N LEU A 227 -0.45 1.17 15.88
CA LEU A 227 0.23 1.89 14.77
C LEU A 227 -0.37 3.28 14.60
N LEU A 228 -1.71 3.43 14.74
CA LEU A 228 -2.30 4.76 14.75
C LEU A 228 -1.68 5.61 15.86
N ARG A 229 -1.60 5.04 17.06
CA ARG A 229 -0.99 5.74 18.23
C ARG A 229 0.47 6.09 17.92
N ASP A 230 1.20 5.19 17.30
CA ASP A 230 2.61 5.44 17.01
C ASP A 230 2.74 6.66 16.09
N ASN A 231 1.90 6.72 15.04
CA ASN A 231 1.93 7.84 14.14
C ASN A 231 1.54 9.13 14.82
N LEU A 232 0.48 9.09 15.63
CA LEU A 232 0.12 10.28 16.40
C LEU A 232 1.26 10.77 17.28
N THR A 233 1.97 9.84 17.91
CA THR A 233 3.10 10.22 18.76
C THR A 233 4.21 10.88 17.93
N LEU A 234 4.45 10.36 16.72
CA LEU A 234 5.46 10.93 15.83
C LEU A 234 5.05 12.36 15.43
N TRP A 235 3.76 12.61 15.26
CA TRP A 235 3.26 13.85 14.67
C TRP A 235 2.86 14.94 15.62
N THR A 236 2.85 14.65 16.91
CA THR A 236 2.40 15.60 17.91
C THR A 236 3.45 15.77 19.02
N PHE B 1 10.00 7.16 9.04
CA PHE B 1 8.76 7.09 8.22
C PHE B 1 7.62 6.64 9.11
N PRO B 2 6.38 7.10 8.82
CA PRO B 2 5.23 6.62 9.59
C PRO B 2 4.81 5.20 9.19
N ALA B 3 4.05 4.57 10.07
CA ALA B 3 3.60 3.22 9.86
C ALA B 3 2.43 3.17 8.86
N TPO B 4 2.50 2.20 7.96
CA TPO B 4 1.45 1.80 7.01
CB TPO B 4 1.63 2.43 5.63
CG2 TPO B 4 1.56 3.94 5.67
OG1 TPO B 4 2.97 2.00 5.21
P TPO B 4 3.48 2.18 3.68
O1P TPO B 4 4.65 1.25 3.62
O2P TPO B 4 3.86 3.64 3.48
O3P TPO B 4 2.34 1.81 2.77
C TPO B 4 1.36 0.28 7.00
O TPO B 4 2.33 -0.38 7.32
N VAL B 5 0.22 -0.22 6.59
CA VAL B 5 -0.01 -1.67 6.49
C VAL B 5 -0.47 -2.09 5.15
MG MG C . -13.94 12.75 7.05
MG MG D . -7.03 -25.13 -13.90
MG MG E . 11.47 9.42 -13.79
C1 OT0 F . 0.72 -9.26 10.62
C2 OT0 F . -0.34 -8.19 10.54
C3 OT0 F . -0.84 -7.95 9.14
C4 OT0 F . -1.89 -6.79 9.01
C5 OT0 F . -2.98 -5.63 7.11
C6 OT0 F . -3.05 -5.47 5.73
C7 OT0 F . -4.05 -4.73 5.15
C11 OT0 F . -3.17 -7.28 9.68
C12 OT0 F . -3.70 -8.99 7.92
N1 OT0 F . -1.98 -6.48 7.65
C8 OT0 F . -5.01 -4.15 5.96
CL1 OT0 F . -6.32 -3.23 5.23
C9 OT0 F . -5.00 -4.31 7.32
C10 OT0 F . -4.02 -5.10 7.89
O1 OT0 F . -3.53 -6.76 10.72
N2 OT0 F . -3.95 -8.23 9.14
C13 OT0 F . -4.73 -8.63 6.87
C14 OT0 F . -6.15 -8.87 7.39
C15 OT0 F . -7.24 -8.45 6.42
N3 OT0 F . -7.39 -9.36 5.29
C16 OT0 F . -8.57 -9.84 4.91
O2 OT0 F . -9.61 -9.53 5.49
C17 OT0 F . -8.65 -10.89 3.85
C18 OT0 F . -6.37 -8.21 8.76
C19 OT0 F . -5.26 -8.59 9.72
C20 OT0 F . -1.23 -5.64 9.75
C21 OT0 F . -0.71 -5.92 11.14
C22 OT0 F . -0.01 -4.71 11.71
O3 OT0 F . 0.24 -6.99 11.09
#